data_5ARF
#
_entry.id   5ARF
#
_cell.length_a   130.493
_cell.length_b   51.759
_cell.length_c   69.568
_cell.angle_alpha   90.00
_cell.angle_beta   90.00
_cell.angle_gamma   90.00
#
_symmetry.space_group_name_H-M   'P 21 21 21'
#
loop_
_entity.id
_entity.type
_entity.pdbx_description
1 polymer 'N-LYSINE METHYLTRANSFERASE SMYD2'
2 non-polymer "N-[3-(4-CHLOROPHENYL)-1-{N'-CYANO-N-[3-(DIFLUOROMETHOXY)PHENYL]CARBAMIMIDOYL}-4,5-DIHYDRO-1H- PYRAZOL-4-YL]-N-ETHYL-2-HYDROXYACETAMIDE"
3 non-polymer S-ADENOSYLMETHIONINE
4 non-polymer 'ZINC ION'
5 water water
#
_entity_poly.entity_id   1
_entity_poly.type   'polypeptide(L)'
_entity_poly.pdbx_seq_one_letter_code
;GRAEGLGGLERFCSPGKGRGLRALQPFQVGDLLFSCPAYAYVLTVNERGNHCEYCFTRKEGLSKCGRCKQAFYCNVECQK
EDWPMHKLECSPMVVFGENWNPSETVRLTARILAKQKIHPERTPSEKLLAVKEFESHLDKLDNEKKDLIQSDIAALHHFY
SKHLGFPDNDSLVVLFAQVNCNGFTIEDEELSHLGSAIFPDVALMNHSCCPNVIVTYKGTLAEVRAVQEIKPGEEVFTSY
IDLLYPTEDRNDRLRDSYFFTCECQECTTKDKDKAKVEIRKLSDPPKAEAIRDMVRYARNVIEEFRRAKHYKSPSELLEI
CELSQEKMSSVFEDSNVYMLHMMYQAMGVCLYMQDWEGALQYGQKIIKPYSKHYPLYSLNVASMWLKLGRLYMGLEHKAA
GEKALKKAIAIMEVAHGKDHPYISEIKQEIESH
;
_entity_poly.pdbx_strand_id   A
#
# COMPACT_ATOMS: atom_id res chain seq x y z
N LEU A 6 -14.62 -16.72 -7.64
CA LEU A 6 -14.99 -15.88 -8.84
C LEU A 6 -16.28 -16.29 -9.54
N GLY A 7 -16.70 -17.54 -9.33
CA GLY A 7 -17.98 -18.01 -9.82
C GLY A 7 -19.14 -17.30 -9.16
N GLY A 8 -18.94 -16.93 -7.90
CA GLY A 8 -19.96 -16.20 -7.15
C GLY A 8 -19.93 -14.72 -7.50
N LEU A 9 -19.19 -14.38 -8.55
CA LEU A 9 -19.07 -13.01 -8.99
C LEU A 9 -19.09 -12.83 -10.51
N GLU A 10 -19.45 -11.64 -10.94
CA GLU A 10 -19.32 -11.30 -12.33
C GLU A 10 -18.82 -9.90 -12.42
N ARG A 11 -18.16 -9.60 -13.54
CA ARG A 11 -17.95 -8.22 -13.90
C ARG A 11 -19.14 -7.66 -14.60
N PHE A 12 -19.32 -6.36 -14.42
CA PHE A 12 -20.44 -5.66 -14.98
C PHE A 12 -20.02 -4.23 -15.27
N CYS A 13 -20.89 -3.53 -16.01
CA CYS A 13 -20.76 -2.11 -16.34
C CYS A 13 -21.40 -1.24 -15.26
N SER A 14 -20.56 -0.66 -14.45
CA SER A 14 -20.96 -0.01 -13.23
C SER A 14 -21.04 1.47 -13.56
N PRO A 15 -22.28 2.01 -13.55
CA PRO A 15 -22.49 3.34 -14.08
C PRO A 15 -21.74 4.46 -13.38
N GLY A 16 -21.12 5.31 -14.19
CA GLY A 16 -20.29 6.38 -13.66
C GLY A 16 -18.93 5.85 -13.17
N LYS A 17 -18.75 4.50 -13.22
CA LYS A 17 -17.48 3.88 -12.72
C LYS A 17 -16.78 2.94 -13.70
N GLY A 18 -17.08 3.08 -14.98
CA GLY A 18 -16.65 2.11 -15.97
C GLY A 18 -17.10 0.73 -15.49
N ARG A 19 -16.14 -0.19 -15.38
CA ARG A 19 -16.43 -1.60 -15.10
C ARG A 19 -16.13 -1.85 -13.66
N GLY A 20 -16.72 -2.90 -13.10
CA GLY A 20 -16.44 -3.34 -11.74
C GLY A 20 -16.87 -4.79 -11.58
N LEU A 21 -16.98 -5.22 -10.34
CA LEU A 21 -17.21 -6.59 -9.93
C LEU A 21 -18.47 -6.54 -9.04
N ARG A 22 -19.45 -7.42 -9.26
CA ARG A 22 -20.55 -7.57 -8.29
C ARG A 22 -20.73 -9.02 -7.91
N ALA A 23 -21.36 -9.26 -6.76
CA ALA A 23 -21.59 -10.61 -6.27
C ALA A 23 -22.92 -11.18 -6.77
N LEU A 24 -22.97 -12.51 -6.94
CA LEU A 24 -24.21 -13.25 -7.21
C LEU A 24 -24.74 -13.94 -5.94
N GLN A 25 -23.86 -14.10 -4.94
CA GLN A 25 -24.17 -14.81 -3.70
C GLN A 25 -23.67 -13.99 -2.51
N PRO A 26 -24.34 -14.13 -1.35
CA PRO A 26 -23.97 -13.33 -0.19
C PRO A 26 -22.52 -13.60 0.23
N PHE A 27 -21.90 -12.69 0.95
CA PHE A 27 -20.60 -13.00 1.58
C PHE A 27 -20.66 -12.48 3.00
N GLN A 28 -20.27 -13.32 3.95
CA GLN A 28 -20.28 -12.95 5.36
C GLN A 28 -18.97 -12.33 5.64
N VAL A 29 -18.94 -11.50 6.67
CA VAL A 29 -17.70 -10.96 7.16
C VAL A 29 -16.69 -12.10 7.31
N GLY A 30 -15.49 -11.90 6.75
CA GLY A 30 -14.41 -12.90 6.88
C GLY A 30 -14.25 -13.86 5.72
N ASP A 31 -15.29 -14.00 4.89
CA ASP A 31 -15.26 -14.86 3.73
C ASP A 31 -14.24 -14.47 2.66
N LEU A 32 -13.60 -15.46 2.10
CA LEU A 32 -12.80 -15.27 0.92
C LEU A 32 -13.69 -15.12 -0.34
N LEU A 33 -13.58 -14.00 -1.03
CA LEU A 33 -14.26 -13.80 -2.32
C LEU A 33 -13.50 -14.48 -3.45
N PHE A 34 -12.22 -14.15 -3.57
CA PHE A 34 -11.29 -14.81 -4.52
C PHE A 34 -9.87 -14.45 -4.18
N SER A 35 -8.95 -15.14 -4.86
CA SER A 35 -7.54 -14.85 -4.73
C SER A 35 -6.98 -14.71 -6.17
N CYS A 36 -5.81 -14.13 -6.33
CA CYS A 36 -5.30 -13.78 -7.65
C CYS A 36 -3.78 -13.82 -7.66
N PRO A 37 -3.20 -14.74 -8.48
CA PRO A 37 -1.77 -14.81 -8.42
C PRO A 37 -1.26 -13.61 -9.09
N ALA A 38 -0.10 -13.13 -8.69
CA ALA A 38 0.46 -11.95 -9.34
C ALA A 38 0.81 -12.25 -10.78
N TYR A 39 0.44 -11.36 -11.69
CA TYR A 39 0.74 -11.47 -13.09
C TYR A 39 2.20 -11.10 -13.31
N ALA A 40 2.62 -10.07 -12.55
CA ALA A 40 4.02 -9.62 -12.49
C ALA A 40 4.24 -8.96 -11.15
N TYR A 41 5.41 -9.09 -10.58
CA TYR A 41 5.69 -8.59 -9.26
C TYR A 41 7.21 -8.35 -9.16
N VAL A 42 7.56 -7.41 -8.25
CA VAL A 42 8.96 -7.16 -8.00
C VAL A 42 9.13 -6.92 -6.50
N LEU A 43 10.17 -7.49 -5.92
CA LEU A 43 10.50 -7.18 -4.54
C LEU A 43 11.27 -5.86 -4.50
N THR A 44 10.88 -5.00 -3.55
CA THR A 44 11.49 -3.65 -3.44
C THR A 44 13.00 -3.79 -3.09
N VAL A 45 13.82 -2.89 -3.67
CA VAL A 45 15.31 -2.92 -3.47
C VAL A 45 15.74 -2.92 -1.98
N ASN A 46 15.10 -2.16 -1.11
CA ASN A 46 15.45 -2.22 0.32
C ASN A 46 15.21 -3.55 1.02
N GLU A 47 14.41 -4.43 0.45
CA GLU A 47 14.28 -5.76 1.04
C GLU A 47 15.15 -6.87 0.44
N ARG A 48 15.97 -6.51 -0.53
CA ARG A 48 17.02 -7.44 -0.95
C ARG A 48 17.92 -7.94 0.21
N GLY A 49 18.07 -9.26 0.28
CA GLY A 49 18.86 -9.91 1.32
C GLY A 49 17.96 -10.31 2.48
N ASN A 50 16.77 -9.73 2.53
CA ASN A 50 15.81 -10.00 3.61
C ASN A 50 14.74 -11.04 3.25
N HIS A 51 14.24 -10.95 2.04
CA HIS A 51 13.09 -11.74 1.55
C HIS A 51 13.47 -12.45 0.25
N CYS A 52 12.90 -13.63 0.00
CA CYS A 52 13.07 -14.36 -1.27
C CYS A 52 12.50 -13.49 -2.39
N GLU A 53 13.29 -13.19 -3.39
CA GLU A 53 12.76 -12.48 -4.55
C GLU A 53 11.64 -13.16 -5.31
N TYR A 54 11.54 -14.48 -5.20
CA TYR A 54 10.50 -15.22 -5.92
C TYR A 54 9.18 -15.25 -5.13
N CYS A 55 9.26 -15.64 -3.88
CA CYS A 55 8.06 -15.85 -3.08
C CYS A 55 7.83 -14.90 -1.93
N PHE A 56 8.74 -13.95 -1.69
CA PHE A 56 8.60 -12.95 -0.65
C PHE A 56 8.77 -13.48 0.79
N THR A 57 9.17 -14.75 0.95
CA THR A 57 9.30 -15.29 2.27
C THR A 57 10.55 -14.75 2.87
N ARG A 58 10.43 -14.27 4.10
CA ARG A 58 11.57 -13.80 4.85
C ARG A 58 12.37 -14.96 5.48
N LYS A 59 13.67 -14.96 5.23
CA LYS A 59 14.55 -15.94 5.83
C LYS A 59 15.87 -15.30 6.19
N GLU A 60 16.46 -15.76 7.29
CA GLU A 60 17.87 -15.55 7.54
C GLU A 60 18.55 -16.58 6.62
N GLY A 61 19.68 -16.30 6.01
CA GLY A 61 20.26 -17.36 5.14
C GLY A 61 19.56 -17.65 3.79
N LEU A 62 19.64 -16.71 2.90
CA LEU A 62 18.98 -16.91 1.62
C LEU A 62 20.10 -17.36 0.76
N SER A 63 19.78 -18.10 -0.30
CA SER A 63 20.73 -18.45 -1.37
C SER A 63 20.81 -17.28 -2.30
N LYS A 64 22.03 -16.91 -2.64
CA LYS A 64 22.31 -15.81 -3.56
C LYS A 64 22.44 -16.32 -4.96
N CYS A 65 22.10 -15.47 -5.91
CA CYS A 65 22.46 -15.71 -7.33
C CYS A 65 23.97 -15.57 -7.54
N GLY A 66 24.58 -16.37 -8.42
CA GLY A 66 25.96 -16.16 -8.93
C GLY A 66 26.59 -14.83 -8.50
N ARG A 67 27.22 -14.00 -9.34
CA ARG A 67 26.85 -13.54 -10.72
C ARG A 67 26.31 -12.11 -10.72
N CYS A 68 25.06 -11.85 -10.27
CA CYS A 68 24.74 -10.53 -9.75
C CYS A 68 25.29 -10.51 -8.33
N LYS A 69 25.34 -11.69 -7.70
CA LYS A 69 25.47 -11.81 -6.24
C LYS A 69 24.48 -10.89 -5.54
N GLN A 70 23.48 -10.41 -6.28
CA GLN A 70 22.66 -9.30 -5.82
C GLN A 70 21.16 -9.68 -5.89
N ALA A 71 20.87 -10.98 -5.72
CA ALA A 71 19.51 -11.45 -5.53
C ALA A 71 19.55 -12.74 -4.74
N PHE A 72 18.47 -12.96 -3.99
CA PHE A 72 18.44 -13.89 -2.90
C PHE A 72 17.15 -14.65 -2.95
N TYR A 73 17.25 -15.92 -2.61
CA TYR A 73 16.19 -16.91 -2.78
C TYR A 73 16.16 -17.95 -1.67
N CYS A 74 14.97 -18.50 -1.41
CA CYS A 74 14.78 -19.58 -0.43
C CYS A 74 15.65 -20.80 -0.69
N ASN A 75 15.85 -21.11 -1.97
CA ASN A 75 16.37 -22.37 -2.50
C ASN A 75 16.38 -22.37 -4.00
N VAL A 76 16.99 -23.41 -4.55
CA VAL A 76 17.19 -23.55 -6.01
C VAL A 76 15.93 -23.47 -6.83
N GLU A 77 14.80 -23.91 -6.29
CA GLU A 77 13.53 -23.85 -7.03
C GLU A 77 13.03 -22.44 -7.13
N CYS A 78 13.05 -21.71 -6.01
CA CYS A 78 12.63 -20.29 -5.98
C CYS A 78 13.44 -19.50 -6.99
N GLN A 79 14.77 -19.65 -6.93
CA GLN A 79 15.70 -19.06 -7.90
C GLN A 79 15.38 -19.46 -9.33
N LYS A 80 15.30 -20.74 -9.62
CA LYS A 80 14.94 -21.13 -10.97
C LYS A 80 13.63 -20.46 -11.44
N GLU A 81 12.62 -20.42 -10.57
CA GLU A 81 11.32 -19.85 -10.91
C GLU A 81 11.35 -18.36 -11.27
N ASP A 82 12.29 -17.62 -10.69
CA ASP A 82 12.36 -16.18 -10.88
C ASP A 82 13.29 -15.80 -11.99
N TRP A 83 14.02 -16.73 -12.55
CA TRP A 83 15.06 -16.41 -13.51
C TRP A 83 14.60 -15.67 -14.74
N PRO A 84 13.46 -16.07 -15.31
CA PRO A 84 13.03 -15.34 -16.50
C PRO A 84 12.82 -13.84 -16.25
N MET A 85 12.52 -13.46 -15.03
CA MET A 85 12.33 -12.03 -14.68
C MET A 85 13.65 -11.48 -14.19
N HIS A 86 14.36 -12.28 -13.36
CA HIS A 86 15.54 -11.79 -12.75
C HIS A 86 16.61 -11.54 -13.81
N LYS A 87 16.65 -12.35 -14.88
CA LYS A 87 17.57 -12.13 -16.04
C LYS A 87 17.48 -10.72 -16.63
N LEU A 88 16.32 -10.06 -16.50
CA LEU A 88 16.16 -8.71 -16.99
C LEU A 88 17.12 -7.73 -16.31
N GLU A 89 17.47 -8.03 -15.05
CA GLU A 89 18.35 -7.19 -14.26
C GLU A 89 19.71 -7.84 -13.91
N CYS A 90 19.86 -9.16 -14.07
CA CYS A 90 21.01 -9.91 -13.45
C CYS A 90 22.33 -9.42 -14.02
N SER A 91 22.47 -9.52 -15.33
CA SER A 91 23.72 -9.12 -16.03
C SER A 91 23.84 -7.58 -16.09
N PRO A 92 22.71 -6.83 -16.25
CA PRO A 92 22.80 -5.36 -16.29
C PRO A 92 23.13 -4.73 -14.97
N MET A 93 22.83 -5.40 -13.87
CA MET A 93 23.24 -4.87 -12.58
C MET A 93 24.78 -4.93 -12.46
N VAL A 94 25.37 -5.98 -13.02
CA VAL A 94 26.82 -6.21 -12.88
C VAL A 94 27.55 -5.08 -13.59
N VAL A 95 27.04 -4.73 -14.75
CA VAL A 95 27.68 -3.74 -15.59
C VAL A 95 27.54 -2.35 -15.01
N PHE A 96 26.32 -2.02 -14.60
CA PHE A 96 25.98 -0.70 -14.05
C PHE A 96 26.51 -0.52 -12.65
N GLY A 97 26.64 -1.63 -11.94
CA GLY A 97 27.15 -1.64 -10.58
C GLY A 97 26.32 -0.75 -9.69
N GLU A 98 26.98 0.20 -9.03
CA GLU A 98 26.23 1.07 -8.13
C GLU A 98 25.59 2.23 -8.86
N ASN A 99 25.86 2.39 -10.16
CA ASN A 99 25.05 3.25 -11.03
C ASN A 99 23.67 2.69 -11.41
N TRP A 100 23.44 1.41 -11.16
CA TRP A 100 22.12 0.81 -11.44
C TRP A 100 20.99 1.33 -10.52
N ASN A 101 20.06 2.12 -11.05
CA ASN A 101 19.01 2.67 -10.23
C ASN A 101 17.60 3.00 -10.85
N PRO A 102 16.99 2.07 -11.58
CA PRO A 102 15.62 2.31 -12.08
C PRO A 102 14.57 2.31 -10.98
N SER A 103 13.55 3.14 -11.12
CA SER A 103 12.46 3.23 -10.15
C SER A 103 11.72 1.91 -10.06
N GLU A 104 10.84 1.76 -9.08
CA GLU A 104 10.16 0.47 -8.92
C GLU A 104 9.16 0.29 -10.07
N THR A 105 8.57 1.42 -10.46
CA THR A 105 7.68 1.45 -11.59
C THR A 105 8.31 0.98 -12.86
N VAL A 106 9.54 1.40 -13.10
CA VAL A 106 10.25 0.87 -14.26
C VAL A 106 10.50 -0.64 -14.16
N ARG A 107 10.95 -1.07 -12.99
CA ARG A 107 11.30 -2.44 -12.73
C ARG A 107 10.09 -3.34 -13.02
N LEU A 108 8.90 -2.90 -12.54
CA LEU A 108 7.67 -3.70 -12.70
C LEU A 108 7.22 -3.74 -14.15
N THR A 109 7.34 -2.62 -14.82
CA THR A 109 6.89 -2.53 -16.23
C THR A 109 7.74 -3.39 -17.12
N ALA A 110 9.05 -3.41 -16.82
CA ALA A 110 9.95 -4.24 -17.61
C ALA A 110 9.45 -5.67 -17.53
N ARG A 111 9.08 -6.07 -16.31
CA ARG A 111 8.56 -7.41 -16.04
C ARG A 111 7.27 -7.70 -16.77
N ILE A 112 6.38 -6.71 -16.84
CA ILE A 112 5.16 -6.86 -17.62
C ILE A 112 5.47 -7.15 -19.08
N LEU A 113 6.32 -6.32 -19.66
CA LEU A 113 6.74 -6.50 -21.04
C LEU A 113 7.35 -7.88 -21.30
N ALA A 114 8.18 -8.34 -20.37
CA ALA A 114 8.73 -9.69 -20.48
C ALA A 114 7.65 -10.76 -20.43
N LYS A 115 6.66 -10.60 -19.55
CA LYS A 115 5.60 -11.58 -19.41
C LYS A 115 4.70 -11.56 -20.65
N GLN A 116 4.47 -10.40 -21.25
CA GLN A 116 3.67 -10.37 -22.47
C GLN A 116 4.31 -11.19 -23.62
N LYS A 117 5.64 -11.16 -23.69
CA LYS A 117 6.42 -11.91 -24.67
C LYS A 117 6.44 -13.43 -24.37
N ILE A 118 6.72 -13.80 -23.13
CA ILE A 118 6.79 -15.23 -22.76
C ILE A 118 5.40 -15.86 -22.61
N HIS A 119 4.39 -15.04 -22.35
CA HIS A 119 3.05 -15.55 -22.13
C HIS A 119 2.00 -14.58 -22.64
N PRO A 120 1.83 -14.48 -23.97
CA PRO A 120 0.85 -13.60 -24.64
C PRO A 120 -0.62 -13.92 -24.39
N GLU A 121 -0.95 -15.19 -24.21
CA GLU A 121 -2.34 -15.56 -24.01
C GLU A 121 -2.77 -15.21 -22.57
N ARG A 122 -4.08 -15.32 -22.35
CA ARG A 122 -4.66 -14.97 -21.07
C ARG A 122 -4.03 -15.83 -19.96
N THR A 123 -3.71 -15.22 -18.82
CA THR A 123 -3.13 -15.97 -17.71
C THR A 123 -4.23 -16.25 -16.69
N PRO A 124 -3.99 -17.17 -15.76
CA PRO A 124 -4.94 -17.33 -14.64
C PRO A 124 -5.15 -16.11 -13.77
N SER A 125 -4.34 -15.08 -13.94
CA SER A 125 -4.46 -13.87 -13.17
C SER A 125 -5.50 -12.93 -13.76
N GLU A 126 -6.07 -13.28 -14.91
CA GLU A 126 -6.86 -12.36 -15.72
C GLU A 126 -8.16 -13.02 -16.18
N LYS A 127 -8.84 -13.59 -15.21
CA LYS A 127 -10.03 -14.37 -15.47
C LYS A 127 -11.15 -13.47 -15.92
N LEU A 128 -11.25 -12.29 -15.32
CA LEU A 128 -12.30 -11.33 -15.65
C LEU A 128 -11.78 -10.04 -16.29
N LEU A 129 -10.47 -9.80 -16.18
CA LEU A 129 -9.91 -8.56 -16.69
C LEU A 129 -8.44 -8.75 -17.07
N ALA A 130 -8.16 -8.65 -18.37
CA ALA A 130 -6.77 -8.73 -18.86
C ALA A 130 -5.98 -7.42 -18.76
N VAL A 131 -4.68 -7.51 -18.47
CA VAL A 131 -3.78 -6.35 -18.50
C VAL A 131 -4.03 -5.46 -19.75
N LYS A 132 -4.22 -6.06 -20.91
CA LYS A 132 -4.40 -5.32 -22.17
C LYS A 132 -5.68 -4.53 -22.16
N GLU A 133 -6.62 -4.92 -21.31
CA GLU A 133 -7.91 -4.22 -21.06
C GLU A 133 -7.84 -3.06 -20.04
N PHE A 134 -6.72 -2.95 -19.31
CA PHE A 134 -6.62 -1.96 -18.27
C PHE A 134 -6.99 -0.58 -18.69
N GLU A 135 -7.72 0.09 -17.81
CA GLU A 135 -8.05 1.49 -17.99
C GLU A 135 -6.76 2.29 -17.83
N SER A 136 -6.49 3.17 -18.76
CA SER A 136 -5.30 4.00 -18.70
C SER A 136 -5.57 5.48 -18.40
N HIS A 137 -6.80 5.95 -18.65
CA HIS A 137 -7.14 7.36 -18.66
C HIS A 137 -6.19 8.25 -19.47
N LEU A 138 -5.52 7.69 -20.47
CA LEU A 138 -4.60 8.47 -21.32
C LEU A 138 -5.18 9.87 -21.66
N ASP A 139 -6.45 9.88 -22.07
CA ASP A 139 -7.20 11.10 -22.49
C ASP A 139 -7.27 12.20 -21.42
N LYS A 140 -7.12 11.81 -20.16
CA LYS A 140 -7.19 12.70 -18.99
C LYS A 140 -5.81 13.13 -18.46
N LEU A 141 -4.72 12.61 -19.03
CA LEU A 141 -3.38 12.84 -18.44
C LEU A 141 -2.93 14.21 -18.82
N ASP A 142 -2.37 14.97 -17.88
CA ASP A 142 -1.81 16.27 -18.29
C ASP A 142 -0.34 16.21 -18.68
N ASN A 143 0.13 17.25 -19.38
CA ASN A 143 1.54 17.27 -19.76
C ASN A 143 2.47 16.90 -18.60
N GLU A 144 2.16 17.33 -17.37
CA GLU A 144 2.99 16.98 -16.23
C GLU A 144 3.11 15.46 -16.07
N LYS A 145 2.00 14.75 -16.22
CA LYS A 145 1.98 13.33 -15.93
C LYS A 145 2.56 12.61 -17.13
N LYS A 146 2.31 13.14 -18.33
CA LYS A 146 2.91 12.60 -19.53
C LYS A 146 4.41 12.73 -19.45
N ASP A 147 4.90 13.85 -18.92
CA ASP A 147 6.33 13.99 -18.82
C ASP A 147 6.97 12.87 -18.01
N LEU A 148 6.75 12.87 -16.71
CA LEU A 148 7.06 11.74 -15.84
C LEU A 148 7.09 10.31 -16.42
N ILE A 149 6.06 9.96 -17.18
CA ILE A 149 5.99 8.69 -17.87
C ILE A 149 7.14 8.66 -18.89
N GLN A 150 7.18 9.69 -19.75
CA GLN A 150 8.30 9.81 -20.73
C GLN A 150 9.65 9.54 -20.09
N SER A 151 9.82 10.01 -18.87
CA SER A 151 11.06 9.82 -18.16
C SER A 151 11.23 8.35 -17.78
N ASP A 152 10.21 7.72 -17.25
CA ASP A 152 10.29 6.32 -16.97
C ASP A 152 10.60 5.51 -18.21
N ILE A 153 10.07 5.92 -19.36
CA ILE A 153 10.36 5.23 -20.59
C ILE A 153 11.86 5.30 -20.92
N ALA A 154 12.45 6.47 -20.76
CA ALA A 154 13.88 6.65 -21.01
C ALA A 154 14.74 5.76 -20.11
N ALA A 155 14.43 5.74 -18.84
CA ALA A 155 15.08 4.85 -17.88
C ALA A 155 14.94 3.34 -18.23
N LEU A 156 13.71 2.91 -18.52
CA LEU A 156 13.44 1.59 -19.07
C LEU A 156 14.44 1.18 -20.18
N HIS A 157 14.49 1.93 -21.28
CA HIS A 157 15.44 1.68 -22.37
C HIS A 157 16.87 1.62 -21.85
N HIS A 158 17.18 2.53 -20.95
CA HIS A 158 18.55 2.77 -20.52
C HIS A 158 19.08 1.61 -19.69
N PHE A 159 18.22 1.02 -18.89
CA PHE A 159 18.62 -0.05 -18.00
C PHE A 159 18.26 -1.44 -18.54
N TYR A 160 17.28 -1.55 -19.42
CA TYR A 160 16.69 -2.88 -19.68
C TYR A 160 16.84 -3.42 -21.12
N SER A 161 17.39 -2.66 -22.03
CA SER A 161 17.46 -3.18 -23.38
C SER A 161 18.56 -4.29 -23.57
N LYS A 162 19.37 -4.61 -22.59
CA LYS A 162 20.32 -5.72 -22.79
C LYS A 162 19.51 -6.94 -23.18
N HIS A 163 18.41 -7.22 -22.45
CA HIS A 163 17.63 -8.46 -22.71
C HIS A 163 16.14 -8.29 -23.01
N LEU A 164 15.63 -7.08 -23.12
CA LEU A 164 14.24 -6.93 -23.66
C LEU A 164 14.13 -5.85 -24.79
N GLY A 165 13.33 -6.14 -25.82
CA GLY A 165 13.01 -5.22 -26.89
C GLY A 165 11.76 -4.42 -26.44
N PHE A 166 11.38 -3.38 -27.17
CA PHE A 166 10.25 -2.53 -26.75
C PHE A 166 9.31 -2.25 -27.88
N PRO A 167 8.04 -1.98 -27.55
CA PRO A 167 7.11 -1.48 -28.55
C PRO A 167 7.33 -0.02 -28.73
N ASP A 168 6.52 0.60 -29.59
CA ASP A 168 6.71 2.01 -29.91
C ASP A 168 6.34 2.89 -28.72
N ASN A 169 6.62 4.19 -28.83
CA ASN A 169 6.52 5.07 -27.69
C ASN A 169 5.06 5.21 -27.25
N ASP A 170 4.16 5.35 -28.21
CA ASP A 170 2.76 5.42 -27.88
C ASP A 170 2.28 4.23 -27.11
N SER A 171 2.74 3.01 -27.43
CA SER A 171 2.22 1.82 -26.74
C SER A 171 2.63 1.72 -25.29
N LEU A 172 3.81 2.32 -25.03
CA LEU A 172 4.41 2.35 -23.71
C LEU A 172 3.83 3.43 -22.81
N VAL A 173 3.50 4.56 -23.38
CA VAL A 173 2.84 5.56 -22.57
C VAL A 173 1.58 4.91 -22.03
N VAL A 174 0.87 4.18 -22.89
CA VAL A 174 -0.37 3.53 -22.47
C VAL A 174 -0.14 2.60 -21.32
N LEU A 175 0.83 1.69 -21.51
CA LEU A 175 1.22 0.70 -20.47
C LEU A 175 1.64 1.39 -19.19
N PHE A 176 2.49 2.40 -19.25
CA PHE A 176 2.78 3.09 -17.99
C PHE A 176 1.53 3.68 -17.26
N ALA A 177 0.60 4.26 -18.02
CA ALA A 177 -0.59 4.87 -17.39
C ALA A 177 -1.53 3.80 -16.83
N GLN A 178 -1.63 2.68 -17.55
CA GLN A 178 -2.33 1.49 -17.09
C GLN A 178 -1.77 1.00 -15.77
N VAL A 179 -0.44 0.92 -15.69
CA VAL A 179 0.28 0.58 -14.44
C VAL A 179 -0.08 1.55 -13.29
N ASN A 180 -0.06 2.82 -13.57
CA ASN A 180 -0.41 3.76 -12.51
C ASN A 180 -1.89 3.62 -12.05
N CYS A 181 -2.78 3.25 -12.99
CA CYS A 181 -4.23 3.18 -12.69
C CYS A 181 -4.56 1.84 -12.00
N ASN A 182 -3.70 0.82 -12.16
CA ASN A 182 -4.09 -0.53 -11.81
C ASN A 182 -3.06 -1.32 -10.96
N GLY A 183 -1.84 -0.82 -10.90
CA GLY A 183 -0.80 -1.49 -10.06
C GLY A 183 -1.13 -1.45 -8.60
N PHE A 184 -0.46 -2.36 -7.84
CA PHE A 184 -0.59 -2.49 -6.40
C PHE A 184 0.77 -2.41 -5.74
N THR A 185 0.81 -1.98 -4.49
CA THR A 185 1.92 -2.31 -3.58
C THR A 185 1.62 -3.54 -2.81
N ILE A 186 2.65 -4.33 -2.53
CA ILE A 186 2.53 -5.38 -1.53
C ILE A 186 3.23 -4.89 -0.22
N GLU A 187 2.47 -4.88 0.87
CA GLU A 187 2.93 -4.55 2.22
C GLU A 187 2.81 -5.70 3.20
N ASP A 188 3.71 -5.76 4.20
CA ASP A 188 3.66 -6.86 5.20
C ASP A 188 2.60 -6.70 6.29
N GLU A 189 2.71 -7.49 7.34
CA GLU A 189 1.79 -7.48 8.44
C GLU A 189 1.89 -6.21 9.25
N GLU A 190 2.99 -5.48 9.14
CA GLU A 190 3.06 -4.18 9.78
C GLU A 190 2.90 -3.08 8.77
N LEU A 191 2.44 -3.39 7.58
CA LEU A 191 2.31 -2.42 6.50
C LEU A 191 3.65 -1.76 6.06
N SER A 192 4.76 -2.45 6.26
CA SER A 192 6.00 -2.05 5.58
C SER A 192 5.92 -2.44 4.12
N HIS A 193 6.53 -1.67 3.24
CA HIS A 193 6.54 -1.93 1.81
C HIS A 193 7.42 -3.10 1.51
N LEU A 194 6.88 -4.11 0.85
CA LEU A 194 7.66 -5.23 0.39
C LEU A 194 7.95 -5.16 -1.11
N GLY A 195 7.06 -4.53 -1.84
CA GLY A 195 7.21 -4.53 -3.31
C GLY A 195 5.93 -4.06 -4.03
N SER A 196 5.86 -4.36 -5.30
CA SER A 196 4.81 -3.79 -6.18
C SER A 196 4.46 -4.93 -7.11
N ALA A 197 3.23 -4.91 -7.59
CA ALA A 197 2.67 -6.04 -8.35
C ALA A 197 1.40 -5.69 -9.19
N ILE A 198 1.14 -6.56 -10.16
CA ILE A 198 0.00 -6.48 -11.04
C ILE A 198 -0.95 -7.64 -10.71
N PHE A 199 -2.17 -7.30 -10.30
CA PHE A 199 -3.22 -8.26 -9.93
C PHE A 199 -4.50 -7.88 -10.75
N PRO A 200 -4.56 -8.35 -11.99
CA PRO A 200 -5.53 -7.82 -12.96
C PRO A 200 -6.98 -8.01 -12.49
N ASP A 201 -7.34 -9.21 -12.04
CA ASP A 201 -8.72 -9.45 -11.57
C ASP A 201 -9.02 -8.66 -10.30
N VAL A 202 -8.06 -8.46 -9.42
CA VAL A 202 -8.27 -7.61 -8.30
C VAL A 202 -8.50 -6.16 -8.74
N ALA A 203 -7.88 -5.73 -9.84
CA ALA A 203 -7.99 -4.34 -10.27
C ALA A 203 -9.31 -4.04 -10.94
N LEU A 204 -10.15 -5.03 -11.11
CA LEU A 204 -11.50 -4.82 -11.60
C LEU A 204 -12.34 -4.04 -10.59
N MET A 205 -12.03 -4.26 -9.33
CA MET A 205 -12.82 -3.73 -8.24
C MET A 205 -12.65 -2.25 -8.16
N ASN A 206 -13.78 -1.59 -7.99
CA ASN A 206 -13.87 -0.17 -7.83
C ASN A 206 -13.64 0.25 -6.38
N HIS A 207 -13.37 1.53 -6.18
CA HIS A 207 -13.12 2.02 -4.87
C HIS A 207 -14.40 2.37 -4.05
N SER A 208 -14.26 2.30 -2.73
CA SER A 208 -15.07 3.08 -1.81
C SER A 208 -14.36 3.34 -0.46
N CYS A 209 -14.80 4.43 0.18
CA CYS A 209 -14.27 4.88 1.45
C CYS A 209 -14.87 4.11 2.61
N CYS A 210 -15.95 3.37 2.38
CA CYS A 210 -16.48 2.45 3.37
C CYS A 210 -16.51 1.12 2.63
N PRO A 211 -15.32 0.59 2.29
CA PRO A 211 -15.25 -0.60 1.51
C PRO A 211 -15.90 -1.81 2.17
N ASN A 212 -16.33 -2.77 1.36
CA ASN A 212 -16.86 -4.03 1.87
C ASN A 212 -15.88 -5.18 1.72
N VAL A 213 -14.73 -4.94 1.15
CA VAL A 213 -13.70 -5.97 1.25
C VAL A 213 -12.35 -5.38 1.54
N ILE A 214 -11.42 -6.29 1.89
CA ILE A 214 -10.01 -5.94 2.04
C ILE A 214 -9.13 -6.96 1.31
N VAL A 215 -8.11 -6.37 0.70
CA VAL A 215 -7.15 -7.11 -0.07
C VAL A 215 -5.92 -7.26 0.86
N THR A 216 -5.49 -8.49 0.97
CA THR A 216 -4.26 -8.80 1.65
C THR A 216 -3.42 -9.74 0.84
N TYR A 217 -2.19 -10.03 1.32
CA TYR A 217 -1.23 -10.77 0.45
C TYR A 217 -0.71 -11.96 1.21
N LYS A 218 -0.49 -13.06 0.52
CA LYS A 218 0.13 -14.27 1.00
C LYS A 218 1.32 -14.55 0.06
N GLY A 219 2.50 -14.08 0.45
CA GLY A 219 3.61 -13.98 -0.42
C GLY A 219 3.23 -13.03 -1.56
N THR A 220 3.16 -13.57 -2.76
CA THR A 220 2.73 -12.80 -3.94
C THR A 220 1.27 -13.06 -4.42
N LEU A 221 0.53 -13.89 -3.69
CA LEU A 221 -0.90 -14.13 -3.88
C LEU A 221 -1.78 -13.09 -3.17
N ALA A 222 -2.59 -12.40 -3.99
CA ALA A 222 -3.55 -11.47 -3.50
C ALA A 222 -4.77 -12.26 -3.10
N GLU A 223 -5.27 -11.95 -1.91
CA GLU A 223 -6.54 -12.49 -1.42
C GLU A 223 -7.50 -11.37 -1.04
N VAL A 224 -8.82 -11.60 -1.29
CA VAL A 224 -9.86 -10.60 -1.16
C VAL A 224 -10.97 -11.10 -0.26
N ARG A 225 -11.14 -10.45 0.88
CA ARG A 225 -12.13 -10.90 1.89
C ARG A 225 -13.15 -9.83 2.34
N ALA A 226 -14.38 -10.28 2.63
CA ALA A 226 -15.40 -9.36 3.09
C ALA A 226 -15.10 -8.85 4.49
N VAL A 227 -15.26 -7.54 4.63
CA VAL A 227 -15.27 -6.86 5.92
C VAL A 227 -16.64 -6.25 6.23
N GLN A 228 -17.56 -6.33 5.28
CA GLN A 228 -19.00 -6.16 5.60
C GLN A 228 -19.78 -7.28 4.92
N GLU A 229 -20.92 -7.64 5.45
CA GLU A 229 -21.82 -8.51 4.74
C GLU A 229 -22.15 -7.89 3.34
N ILE A 230 -22.13 -8.74 2.30
CA ILE A 230 -22.30 -8.30 0.92
C ILE A 230 -23.52 -8.94 0.25
N LYS A 231 -24.41 -8.14 -0.32
CA LYS A 231 -25.69 -8.67 -0.87
C LYS A 231 -25.60 -9.10 -2.32
N PRO A 232 -26.38 -10.13 -2.70
CA PRO A 232 -26.47 -10.34 -4.14
C PRO A 232 -27.01 -9.10 -4.83
N GLY A 233 -26.39 -8.71 -5.94
CA GLY A 233 -26.67 -7.44 -6.59
C GLY A 233 -25.70 -6.32 -6.24
N GLU A 234 -24.90 -6.54 -5.19
CA GLU A 234 -23.99 -5.51 -4.69
C GLU A 234 -22.60 -5.51 -5.34
N GLU A 235 -22.13 -4.28 -5.58
CA GLU A 235 -20.80 -4.06 -6.07
C GLU A 235 -19.86 -4.30 -4.93
N VAL A 236 -18.76 -4.91 -5.29
CA VAL A 236 -17.68 -5.16 -4.36
C VAL A 236 -16.74 -4.00 -4.56
N PHE A 237 -16.51 -3.29 -3.47
CA PHE A 237 -15.64 -2.16 -3.42
C PHE A 237 -14.53 -2.45 -2.39
N THR A 238 -13.28 -2.27 -2.84
CA THR A 238 -12.15 -2.19 -1.93
C THR A 238 -11.78 -0.73 -1.79
N SER A 239 -10.84 -0.42 -0.93
CA SER A 239 -10.32 0.94 -0.84
C SER A 239 -8.99 1.12 -1.56
N TYR A 240 -8.82 2.22 -2.29
CA TYR A 240 -7.59 2.47 -3.03
C TYR A 240 -6.60 3.29 -2.17
N ILE A 241 -7.08 3.75 -1.02
CA ILE A 241 -6.32 4.73 -0.28
C ILE A 241 -6.37 4.56 1.21
N ASP A 242 -5.51 5.33 1.87
CA ASP A 242 -5.58 5.45 3.33
C ASP A 242 -6.83 6.21 3.79
N LEU A 243 -7.71 5.52 4.51
CA LEU A 243 -9.00 6.07 4.94
C LEU A 243 -8.99 6.99 6.18
N LEU A 244 -7.81 7.30 6.69
CA LEU A 244 -7.69 8.12 7.88
C LEU A 244 -8.16 9.56 7.69
N TYR A 245 -7.88 10.08 6.48
CA TYR A 245 -7.92 11.51 6.16
C TYR A 245 -9.34 12.02 5.90
N PRO A 246 -9.54 13.36 6.01
CA PRO A 246 -10.88 13.90 5.76
C PRO A 246 -11.30 13.78 4.28
N THR A 247 -12.55 14.09 3.98
CA THR A 247 -13.21 13.71 2.74
C THR A 247 -12.51 14.45 1.61
N GLU A 248 -12.10 15.68 1.88
CA GLU A 248 -11.46 16.53 0.89
C GLU A 248 -10.09 16.02 0.52
N ASP A 249 -9.31 15.64 1.53
CA ASP A 249 -7.95 15.13 1.32
C ASP A 249 -8.00 13.80 0.54
N ARG A 250 -8.97 12.97 0.90
CA ARG A 250 -9.18 11.74 0.19
C ARG A 250 -9.44 11.95 -1.26
N ASN A 251 -10.26 12.94 -1.58
CA ASN A 251 -10.72 13.12 -2.95
C ASN A 251 -9.70 13.79 -3.85
N ASP A 252 -8.91 14.70 -3.29
CA ASP A 252 -7.70 15.22 -3.97
C ASP A 252 -6.79 14.10 -4.48
N ARG A 253 -6.62 13.09 -3.62
CA ARG A 253 -5.83 11.90 -3.96
C ARG A 253 -6.55 11.04 -5.02
N LEU A 254 -7.83 10.76 -4.83
CA LEU A 254 -8.51 9.90 -5.81
C LEU A 254 -8.58 10.51 -7.24
N ARG A 255 -8.78 11.81 -7.33
CA ARG A 255 -8.81 12.55 -8.61
C ARG A 255 -7.43 12.54 -9.23
N ASP A 256 -6.44 12.80 -8.38
CA ASP A 256 -5.07 12.90 -8.84
C ASP A 256 -4.44 11.57 -9.28
N SER A 257 -4.75 10.46 -8.59
CA SER A 257 -4.19 9.18 -8.97
C SER A 257 -5.15 8.39 -9.83
N TYR A 258 -6.46 8.52 -9.66
CA TYR A 258 -7.40 7.61 -10.37
C TYR A 258 -8.45 8.32 -11.23
N PHE A 259 -8.36 9.64 -11.30
CA PHE A 259 -9.22 10.46 -12.16
C PHE A 259 -10.71 10.22 -11.99
N PHE A 260 -11.15 9.99 -10.74
CA PHE A 260 -12.58 9.99 -10.33
C PHE A 260 -12.80 10.63 -8.94
N THR A 261 -13.97 11.21 -8.72
CA THR A 261 -14.42 11.68 -7.38
C THR A 261 -15.39 10.62 -6.76
N CYS A 262 -15.04 10.23 -5.52
CA CYS A 262 -15.83 9.24 -4.80
C CYS A 262 -17.09 9.84 -4.29
N GLU A 263 -18.14 9.03 -4.35
CA GLU A 263 -19.39 9.41 -3.76
C GLU A 263 -19.96 8.30 -2.92
N CYS A 264 -19.09 7.54 -2.24
CA CYS A 264 -19.55 6.53 -1.29
C CYS A 264 -20.32 7.20 -0.20
N GLN A 265 -20.92 6.40 0.66
CA GLN A 265 -21.71 6.92 1.74
C GLN A 265 -20.90 7.85 2.64
N GLU A 266 -19.64 7.49 2.84
CA GLU A 266 -18.81 8.26 3.74
C GLU A 266 -18.44 9.64 3.19
N CYS A 267 -18.27 9.64 1.88
CA CYS A 267 -17.67 10.66 1.08
C CYS A 267 -18.99 11.71 0.92
N THR A 268 -20.23 11.18 0.93
CA THR A 268 -21.46 11.99 0.87
C THR A 268 -21.91 12.68 2.19
N THR A 269 -21.91 11.93 3.29
CA THR A 269 -22.32 12.48 4.57
C THR A 269 -21.21 13.32 5.20
N LYS A 270 -19.97 12.93 4.98
CA LYS A 270 -18.81 13.49 5.68
C LYS A 270 -18.87 13.34 7.21
N ASP A 271 -19.70 12.40 7.67
CA ASP A 271 -19.96 12.26 9.10
C ASP A 271 -18.68 12.18 9.94
N LYS A 272 -17.61 11.58 9.41
CA LYS A 272 -16.39 11.43 10.21
C LYS A 272 -15.45 12.64 10.21
N ASP A 273 -15.78 13.65 9.42
CA ASP A 273 -14.89 14.79 9.21
C ASP A 273 -14.58 15.63 10.44
N LYS A 274 -15.57 15.97 11.26
CA LYS A 274 -15.28 16.89 12.37
C LYS A 274 -14.40 16.26 13.37
N ALA A 275 -14.66 15.00 13.66
CA ALA A 275 -13.83 14.28 14.57
C ALA A 275 -12.41 14.09 14.04
N LYS A 276 -12.23 13.86 12.73
CA LYS A 276 -10.88 13.74 12.15
C LYS A 276 -10.21 15.10 12.17
N VAL A 277 -11.00 16.15 12.16
CA VAL A 277 -10.43 17.47 12.29
C VAL A 277 -10.87 18.00 13.66
N GLU A 278 -10.59 17.20 14.70
CA GLU A 278 -11.04 17.48 16.06
C GLU A 278 -10.40 18.77 16.50
N ILE A 279 -11.21 19.59 17.14
CA ILE A 279 -10.87 20.92 17.50
C ILE A 279 -10.66 20.93 19.00
N ARG A 280 -9.67 21.69 19.46
CA ARG A 280 -9.49 21.91 20.91
C ARG A 280 -10.56 22.77 21.55
N LYS A 281 -10.84 22.46 22.80
CA LYS A 281 -11.81 23.23 23.55
C LYS A 281 -11.14 24.29 24.42
N LEU A 282 -10.60 25.35 23.82
CA LEU A 282 -9.94 26.43 24.58
C LEU A 282 -10.96 27.36 25.25
N SER A 283 -10.45 28.41 25.91
CA SER A 283 -11.28 29.48 26.46
C SER A 283 -11.15 30.74 25.58
N ASP A 284 -10.86 30.51 24.31
CA ASP A 284 -10.90 31.52 23.26
C ASP A 284 -10.69 30.75 21.95
N PRO A 285 -11.61 29.80 21.61
CA PRO A 285 -11.52 29.05 20.36
C PRO A 285 -11.09 29.92 19.20
N PRO A 286 -10.16 29.42 18.36
CA PRO A 286 -9.71 30.35 17.31
C PRO A 286 -10.77 30.68 16.24
N LYS A 287 -10.47 31.62 15.35
CA LYS A 287 -11.31 31.80 14.15
C LYS A 287 -11.04 30.65 13.15
N ALA A 288 -11.96 30.48 12.20
CA ALA A 288 -11.76 29.63 11.04
C ALA A 288 -10.98 30.46 10.06
N GLU A 289 -9.72 30.09 9.82
CA GLU A 289 -8.74 30.87 9.03
C GLU A 289 -7.45 30.91 9.85
N ALA A 290 -7.63 30.93 11.16
CA ALA A 290 -6.63 30.43 12.09
C ALA A 290 -6.51 28.93 11.84
N ILE A 291 -7.65 28.23 11.86
CA ILE A 291 -7.75 26.78 11.56
C ILE A 291 -7.17 26.48 10.18
N ARG A 292 -7.55 27.29 9.21
CA ARG A 292 -7.08 27.15 7.86
C ARG A 292 -5.55 27.21 7.86
N ASP A 293 -5.02 28.20 8.58
CA ASP A 293 -3.57 28.43 8.66
C ASP A 293 -2.81 27.38 9.50
N MET A 294 -3.51 26.52 10.24
CA MET A 294 -2.89 25.34 10.81
C MET A 294 -3.14 24.15 9.90
N VAL A 295 -4.30 24.12 9.26
CA VAL A 295 -4.61 23.04 8.34
C VAL A 295 -3.79 23.14 7.07
N ARG A 296 -3.92 24.24 6.34
CA ARG A 296 -3.07 24.44 5.19
C ARG A 296 -1.63 24.18 5.62
N TYR A 297 -1.20 24.74 6.74
CA TYR A 297 0.17 24.48 7.22
C TYR A 297 0.43 22.98 7.41
N ALA A 298 -0.52 22.21 7.96
CA ALA A 298 -0.33 20.77 8.16
C ALA A 298 -0.31 20.01 6.85
N ARG A 299 -1.35 20.21 6.04
CA ARG A 299 -1.37 19.62 4.72
C ARG A 299 -0.09 19.98 3.96
N ASN A 300 0.41 21.19 4.14
CA ASN A 300 1.70 21.58 3.53
C ASN A 300 2.88 20.93 4.21
N VAL A 301 2.81 20.76 5.52
CA VAL A 301 3.91 20.14 6.25
C VAL A 301 3.92 18.69 5.84
N ILE A 302 2.75 18.12 5.61
CA ILE A 302 2.64 16.74 5.20
C ILE A 302 3.42 16.54 3.90
N GLU A 303 3.03 17.28 2.87
CA GLU A 303 3.70 17.19 1.58
C GLU A 303 5.19 17.47 1.65
N GLU A 304 5.56 18.46 2.44
CA GLU A 304 6.96 18.77 2.67
C GLU A 304 7.73 17.70 3.43
N PHE A 305 7.12 17.05 4.43
CA PHE A 305 7.80 15.96 5.13
C PHE A 305 8.11 14.80 4.15
N ARG A 306 7.21 14.54 3.21
CA ARG A 306 7.40 13.49 2.20
C ARG A 306 8.78 13.56 1.46
N ARG A 307 9.38 14.76 1.32
CA ARG A 307 10.64 14.83 0.54
C ARG A 307 11.90 14.68 1.38
N ALA A 308 11.92 15.32 2.54
CA ALA A 308 13.08 15.26 3.44
C ALA A 308 13.38 13.83 3.85
N LYS A 309 12.33 13.01 3.89
CA LYS A 309 12.47 11.55 4.01
C LYS A 309 13.62 11.03 3.14
N HIS A 310 13.66 11.43 1.86
CA HIS A 310 14.72 11.02 0.91
C HIS A 310 16.17 11.31 1.31
N TYR A 311 16.41 12.18 2.30
CA TYR A 311 17.79 12.58 2.57
C TYR A 311 18.15 13.19 3.93
N LYS A 312 17.22 13.36 4.85
CA LYS A 312 17.65 13.89 6.15
C LYS A 312 17.97 12.78 7.13
N SER A 313 18.73 13.10 8.19
CA SER A 313 19.13 12.07 9.13
C SER A 313 17.95 11.69 10.03
N PRO A 314 18.07 10.54 10.71
CA PRO A 314 17.01 10.16 11.64
C PRO A 314 16.91 11.12 12.82
N SER A 315 18.04 11.53 13.42
CA SER A 315 17.99 12.63 14.42
C SER A 315 17.26 13.85 13.83
N GLU A 316 17.61 14.23 12.61
CA GLU A 316 16.98 15.38 11.94
C GLU A 316 15.53 15.24 11.44
N LEU A 317 15.06 14.01 11.25
CA LEU A 317 13.67 13.77 10.80
C LEU A 317 12.64 13.90 11.94
N LEU A 318 13.06 13.43 13.11
CA LEU A 318 12.28 13.44 14.31
C LEU A 318 12.19 14.87 14.84
N GLU A 319 13.35 15.53 14.87
CA GLU A 319 13.41 16.93 15.18
C GLU A 319 12.33 17.67 14.41
N ILE A 320 12.04 17.30 13.16
CA ILE A 320 11.07 18.09 12.42
C ILE A 320 9.68 17.70 12.88
N CYS A 321 9.46 16.42 13.12
CA CYS A 321 8.13 15.93 13.48
C CYS A 321 7.63 16.64 14.71
N GLU A 322 8.55 16.81 15.66
CA GLU A 322 8.30 17.46 16.91
C GLU A 322 7.84 18.94 16.79
N LEU A 323 8.61 19.79 16.12
CA LEU A 323 8.23 21.23 16.07
C LEU A 323 6.87 21.39 15.38
N SER A 324 6.62 20.56 14.36
CA SER A 324 5.37 20.67 13.62
C SER A 324 4.20 20.29 14.52
N GLN A 325 4.43 19.31 15.39
CA GLN A 325 3.44 18.86 16.32
C GLN A 325 3.05 19.91 17.36
N GLU A 326 4.07 20.55 17.93
CA GLU A 326 3.86 21.59 18.91
C GLU A 326 2.96 22.68 18.33
N LYS A 327 3.42 23.25 17.24
CA LYS A 327 2.75 24.32 16.52
C LYS A 327 1.29 24.00 16.25
N MET A 328 1.04 22.81 15.72
CA MET A 328 -0.31 22.35 15.48
C MET A 328 -1.14 22.23 16.77
N SER A 329 -0.48 21.85 17.86
CA SER A 329 -1.16 21.58 19.14
C SER A 329 -1.57 22.84 19.89
N SER A 330 -1.58 23.99 19.22
CA SER A 330 -2.23 25.16 19.75
C SER A 330 -3.74 25.13 19.42
N VAL A 331 -4.08 24.47 18.30
CA VAL A 331 -5.45 24.45 17.73
C VAL A 331 -6.07 23.02 17.69
N PHE A 332 -5.25 22.01 17.46
CA PHE A 332 -5.74 20.65 17.21
C PHE A 332 -5.64 19.75 18.45
N GLU A 333 -6.61 18.88 18.64
CA GLU A 333 -6.47 17.83 19.64
C GLU A 333 -5.41 16.79 19.22
N ASP A 334 -4.96 15.98 20.17
CA ASP A 334 -4.01 14.91 19.86
C ASP A 334 -4.67 13.86 18.95
N SER A 335 -6.01 13.76 19.02
CA SER A 335 -6.80 12.86 18.15
C SER A 335 -7.05 13.39 16.73
N ASN A 336 -6.74 14.67 16.50
CA ASN A 336 -6.76 15.23 15.15
C ASN A 336 -5.78 14.49 14.26
N VAL A 337 -6.22 14.15 13.05
CA VAL A 337 -5.41 13.33 12.13
C VAL A 337 -4.13 14.00 11.71
N TYR A 338 -4.15 15.31 11.54
CA TYR A 338 -2.88 15.95 11.21
C TYR A 338 -1.87 15.72 12.35
N MET A 339 -2.28 15.78 13.59
CA MET A 339 -1.37 15.35 14.66
C MET A 339 -1.02 13.83 14.47
N LEU A 340 -2.00 12.98 14.19
CA LEU A 340 -1.73 11.51 14.03
C LEU A 340 -0.72 11.20 12.93
N HIS A 341 -0.89 11.87 11.80
CA HIS A 341 0.04 11.71 10.68
C HIS A 341 1.48 12.01 11.09
N MET A 342 1.69 13.08 11.86
CA MET A 342 3.06 13.37 12.28
C MET A 342 3.54 12.41 13.36
N MET A 343 2.67 12.05 14.29
CA MET A 343 3.04 11.06 15.28
C MET A 343 3.41 9.74 14.65
N TYR A 344 2.72 9.34 13.58
CA TYR A 344 3.00 8.10 12.85
C TYR A 344 4.36 8.16 12.19
N GLN A 345 4.63 9.21 11.40
CA GLN A 345 5.94 9.39 10.77
C GLN A 345 7.10 9.39 11.80
N ALA A 346 6.91 10.08 12.92
CA ALA A 346 7.87 10.09 14.04
C ALA A 346 8.12 8.69 14.63
N MET A 347 7.05 7.95 14.83
CA MET A 347 7.11 6.53 15.23
C MET A 347 7.96 5.71 14.32
N GLY A 348 7.81 5.93 13.00
CA GLY A 348 8.52 5.16 11.98
C GLY A 348 10.01 5.46 12.06
N VAL A 349 10.31 6.73 12.28
CA VAL A 349 11.69 7.16 12.51
C VAL A 349 12.22 6.48 13.76
N CYS A 350 11.47 6.60 14.85
CA CYS A 350 11.85 5.97 16.10
C CYS A 350 12.11 4.49 15.87
N LEU A 351 11.19 3.79 15.19
CA LEU A 351 11.44 2.37 14.86
C LEU A 351 12.63 2.12 13.97
N TYR A 352 13.01 3.10 13.16
CA TYR A 352 14.14 2.91 12.30
C TYR A 352 15.40 3.17 13.15
N MET A 353 15.41 4.24 13.94
CA MET A 353 16.51 4.56 14.91
C MET A 353 16.60 3.51 16.01
N GLN A 354 15.68 2.57 16.03
CA GLN A 354 15.58 1.55 17.11
C GLN A 354 15.35 2.15 18.51
N ASP A 355 14.79 3.35 18.56
CA ASP A 355 14.23 3.88 19.79
C ASP A 355 12.86 3.22 20.14
N TRP A 356 12.90 2.06 20.82
CA TRP A 356 11.67 1.26 21.05
C TRP A 356 10.75 1.85 22.10
N GLU A 357 11.32 2.39 23.18
CA GLU A 357 10.53 3.11 24.19
C GLU A 357 9.89 4.33 23.52
N GLY A 358 10.66 5.08 22.76
CA GLY A 358 10.10 6.25 22.07
C GLY A 358 9.08 5.86 21.02
N ALA A 359 9.33 4.77 20.31
CA ALA A 359 8.31 4.24 19.38
C ALA A 359 6.98 3.93 20.08
N LEU A 360 7.08 3.33 21.27
CA LEU A 360 5.88 2.92 22.05
C LEU A 360 5.07 4.11 22.55
N GLN A 361 5.75 5.19 22.93
CA GLN A 361 5.08 6.38 23.40
C GLN A 361 4.13 6.93 22.35
N TYR A 362 4.62 7.02 21.11
CA TYR A 362 3.79 7.55 20.03
C TYR A 362 2.66 6.57 19.71
N GLY A 363 2.98 5.29 19.60
CA GLY A 363 1.98 4.30 19.30
C GLY A 363 0.80 4.29 20.27
N GLN A 364 1.07 4.53 21.54
CA GLN A 364 0.08 4.55 22.58
C GLN A 364 -0.96 5.71 22.39
N LYS A 365 -0.49 6.83 21.82
CA LYS A 365 -1.35 7.96 21.61
C LYS A 365 -2.08 7.81 20.30
N ILE A 366 -1.61 6.94 19.42
CA ILE A 366 -2.18 6.81 18.08
C ILE A 366 -3.33 5.84 18.10
N ILE A 367 -3.27 4.81 18.94
CA ILE A 367 -4.11 3.63 18.65
C ILE A 367 -5.60 3.90 18.90
N LYS A 368 -5.92 4.66 19.91
CA LYS A 368 -7.35 4.86 20.24
C LYS A 368 -8.04 5.71 19.19
N PRO A 369 -7.46 6.85 18.87
CA PRO A 369 -7.97 7.62 17.72
C PRO A 369 -8.06 6.88 16.39
N TYR A 370 -7.05 6.08 16.06
CA TYR A 370 -7.08 5.24 14.86
C TYR A 370 -8.35 4.38 14.86
N SER A 371 -8.69 3.85 16.04
CA SER A 371 -9.85 2.95 16.19
C SER A 371 -11.16 3.63 15.92
N LYS A 372 -11.20 4.91 16.27
CA LYS A 372 -12.33 5.80 15.98
C LYS A 372 -12.51 6.04 14.49
N HIS A 373 -11.39 6.41 13.82
CA HIS A 373 -11.45 7.07 12.52
C HIS A 373 -11.44 6.06 11.38
N TYR A 374 -10.76 4.93 11.54
CA TYR A 374 -10.79 3.93 10.51
C TYR A 374 -12.02 3.12 10.69
N PRO A 375 -12.40 2.34 9.66
CA PRO A 375 -13.57 1.51 9.85
C PRO A 375 -13.27 0.29 10.74
N LEU A 376 -14.33 -0.49 10.97
CA LEU A 376 -14.33 -1.52 11.97
C LEU A 376 -13.21 -2.46 11.76
N TYR A 377 -12.89 -2.75 10.50
CA TYR A 377 -11.84 -3.68 10.15
C TYR A 377 -10.85 -2.92 9.27
N SER A 378 -9.65 -2.72 9.73
CA SER A 378 -8.73 -1.87 8.99
C SER A 378 -7.37 -2.44 9.19
N LEU A 379 -6.62 -2.60 8.10
CA LEU A 379 -5.23 -3.06 8.23
C LEU A 379 -4.37 -2.03 8.98
N ASN A 380 -4.76 -0.77 8.92
CA ASN A 380 -4.02 0.25 9.62
C ASN A 380 -4.17 0.11 11.12
N VAL A 381 -5.36 -0.22 11.57
CA VAL A 381 -5.63 -0.41 13.00
C VAL A 381 -4.93 -1.70 13.45
N ALA A 382 -5.09 -2.74 12.66
CA ALA A 382 -4.49 -4.06 13.01
C ALA A 382 -2.98 -3.99 13.19
N SER A 383 -2.33 -3.32 12.22
CA SER A 383 -0.84 -3.19 12.17
C SER A 383 -0.27 -2.29 13.27
N MET A 384 -1.08 -1.31 13.68
CA MET A 384 -0.76 -0.51 14.83
C MET A 384 -0.84 -1.34 16.11
N TRP A 385 -1.85 -2.15 16.28
CA TRP A 385 -1.97 -2.96 17.47
C TRP A 385 -0.84 -3.96 17.47
N LEU A 386 -0.44 -4.37 16.28
CA LEU A 386 0.60 -5.42 16.14
C LEU A 386 1.97 -4.81 16.48
N LYS A 387 2.19 -3.58 16.04
CA LYS A 387 3.46 -2.97 16.39
C LYS A 387 3.51 -2.69 17.90
N LEU A 388 2.39 -2.29 18.50
CA LEU A 388 2.37 -2.02 19.94
C LEU A 388 2.68 -3.28 20.73
N GLY A 389 1.98 -4.36 20.39
CA GLY A 389 2.17 -5.69 20.94
C GLY A 389 3.61 -6.14 20.91
N ARG A 390 4.25 -5.97 19.76
CA ARG A 390 5.68 -6.39 19.58
C ARG A 390 6.56 -5.53 20.41
N LEU A 391 6.26 -4.24 20.42
CA LEU A 391 7.07 -3.32 21.25
C LEU A 391 7.00 -3.59 22.74
N TYR A 392 5.79 -3.89 23.20
CA TYR A 392 5.51 -4.27 24.54
C TYR A 392 6.22 -5.55 24.90
N MET A 393 6.00 -6.61 24.12
CA MET A 393 6.75 -7.88 24.33
C MET A 393 8.23 -7.66 24.38
N GLY A 394 8.79 -6.84 23.48
CA GLY A 394 10.23 -6.48 23.58
C GLY A 394 10.63 -5.89 24.90
N LEU A 395 9.74 -5.12 25.51
CA LEU A 395 10.00 -4.63 26.85
C LEU A 395 9.49 -5.51 27.96
N GLU A 396 9.15 -6.75 27.63
CA GLU A 396 8.57 -7.69 28.56
C GLU A 396 7.38 -7.11 29.38
N HIS A 397 6.55 -6.30 28.73
CA HIS A 397 5.21 -6.03 29.25
C HIS A 397 4.28 -7.10 28.78
N LYS A 398 4.43 -8.28 29.37
CA LYS A 398 3.83 -9.44 28.77
C LYS A 398 2.34 -9.23 28.72
N ALA A 399 1.72 -8.69 29.78
CA ALA A 399 0.25 -8.46 29.74
C ALA A 399 -0.31 -7.52 28.68
N ALA A 400 0.24 -6.31 28.61
CA ALA A 400 -0.11 -5.36 27.62
C ALA A 400 0.22 -5.86 26.22
N GLY A 401 1.31 -6.64 26.08
CA GLY A 401 1.73 -7.17 24.83
C GLY A 401 0.70 -8.16 24.32
N GLU A 402 0.25 -9.06 25.21
CA GLU A 402 -0.74 -10.04 24.87
C GLU A 402 -2.05 -9.42 24.45
N LYS A 403 -2.41 -8.36 25.13
CA LYS A 403 -3.69 -7.74 24.91
C LYS A 403 -3.72 -7.14 23.54
N ALA A 404 -2.60 -6.49 23.16
CA ALA A 404 -2.49 -5.82 21.88
C ALA A 404 -2.34 -6.80 20.73
N LEU A 405 -1.56 -7.86 20.93
CA LEU A 405 -1.44 -8.83 19.86
C LEU A 405 -2.76 -9.53 19.64
N LYS A 406 -3.51 -9.81 20.72
CA LYS A 406 -4.88 -10.39 20.55
C LYS A 406 -5.83 -9.47 19.76
N LYS A 407 -5.65 -8.15 19.95
CA LYS A 407 -6.47 -7.19 19.23
C LYS A 407 -6.12 -7.18 17.73
N ALA A 408 -4.86 -7.36 17.39
CA ALA A 408 -4.45 -7.42 16.00
C ALA A 408 -5.00 -8.66 15.37
N ILE A 409 -4.92 -9.75 16.09
CA ILE A 409 -5.41 -11.04 15.57
C ILE A 409 -6.91 -11.00 15.20
N ALA A 410 -7.67 -10.34 16.08
CA ALA A 410 -9.08 -10.31 15.99
C ALA A 410 -9.49 -9.64 14.67
N ILE A 411 -8.74 -8.61 14.25
CA ILE A 411 -8.99 -7.99 12.95
C ILE A 411 -8.41 -8.82 11.81
N MET A 412 -7.21 -9.34 12.01
CA MET A 412 -6.49 -10.07 10.97
C MET A 412 -7.24 -11.36 10.63
N GLU A 413 -7.83 -12.04 11.63
CA GLU A 413 -8.58 -13.29 11.29
C GLU A 413 -9.63 -13.02 10.21
N VAL A 414 -10.24 -11.82 10.23
CA VAL A 414 -11.20 -11.37 9.26
C VAL A 414 -10.54 -10.96 7.94
N ALA A 415 -9.47 -10.15 7.99
CA ALA A 415 -8.84 -9.58 6.80
C ALA A 415 -7.94 -10.59 6.09
N HIS A 416 -7.11 -11.30 6.85
CA HIS A 416 -6.14 -12.19 6.33
C HIS A 416 -6.64 -13.62 6.32
N GLY A 417 -7.67 -13.94 7.10
CA GLY A 417 -8.16 -15.33 7.20
C GLY A 417 -7.54 -16.00 8.42
N LYS A 418 -8.26 -16.95 9.02
CA LYS A 418 -7.83 -17.55 10.30
C LYS A 418 -6.57 -18.39 10.19
N ASP A 419 -6.32 -18.90 8.98
CA ASP A 419 -5.19 -19.75 8.70
C ASP A 419 -4.02 -19.05 8.06
N HIS A 420 -3.96 -17.72 8.11
CA HIS A 420 -2.88 -17.01 7.40
C HIS A 420 -1.62 -17.24 8.20
N PRO A 421 -0.50 -17.52 7.53
CA PRO A 421 0.80 -17.63 8.17
C PRO A 421 1.17 -16.50 9.12
N TYR A 422 0.69 -15.28 8.88
CA TYR A 422 0.94 -14.23 9.86
C TYR A 422 0.24 -14.49 11.19
N ILE A 423 -0.95 -15.05 11.17
CA ILE A 423 -1.66 -15.29 12.42
C ILE A 423 -0.98 -16.34 13.24
N SER A 424 -0.54 -17.37 12.57
CA SER A 424 0.21 -18.43 13.20
C SER A 424 1.38 -17.85 14.00
N GLU A 425 2.21 -17.03 13.34
CA GLU A 425 3.39 -16.37 13.91
C GLU A 425 3.00 -15.53 15.12
N ILE A 426 1.95 -14.73 14.96
CA ILE A 426 1.55 -13.83 16.06
C ILE A 426 1.08 -14.65 17.25
N LYS A 427 0.34 -15.74 17.03
CA LYS A 427 -0.15 -16.47 18.14
C LYS A 427 1.03 -17.12 18.87
N GLN A 428 2.10 -17.47 18.14
CA GLN A 428 3.32 -18.03 18.77
C GLN A 428 3.98 -16.93 19.61
N GLU A 429 3.96 -15.69 19.13
CA GLU A 429 4.45 -14.56 19.95
C GLU A 429 3.65 -14.35 21.26
N ILE A 430 2.44 -14.88 21.35
CA ILE A 430 1.59 -14.63 22.55
C ILE A 430 1.99 -15.48 23.78
#